data_9N2E
#
_entry.id   9N2E
#
_cell.length_a   1.00
_cell.length_b   1.00
_cell.length_c   1.00
_cell.angle_alpha   90.00
_cell.angle_beta   90.00
_cell.angle_gamma   90.00
#
_symmetry.space_group_name_H-M   'P 1'
#
loop_
_entity.id
_entity.type
_entity.pdbx_description
1 polymer 'Surface antigen (D15)'
2 polymer 'CarboxypepD_reg-like domain-containing protein'
#
loop_
_entity_poly.entity_id
_entity_poly.type
_entity_poly.pdbx_seq_one_letter_code
_entity_poly.pdbx_strand_id
1 'polypeptide(L)'
;MLQKRIPQIICTLLLLGSFSQIKAQDRVPFDQGKKYTLAKVSVVGKISFNEQTVVTFSGLQKGQEITVPGEEITSAIKKL
GKLGLFDEIAFYINKVENDSIYLDLNIVELPKLNEVKITGVKKSKVEGLIKDNNLTKNKIVNENLITTTKNYIENKYKKD
GFYNTKVVITTTPDTTAGNQVNMLVRVDKGDKVKISSIDFTGNKQLSDSKLRAAMKDTKQKNVLRVFKASKFIPEKYKTD
LEKVIASYKEKGYRDARIIYDSVIYNKKKNMLAIKIDVEEGNKYYFGNIKFLGNTVYSDQQLNRYLGIKKGETYNGVLLE
KRIADNTKPDGEDITNLYQNNGYLFSKINAVEVKTVNDTIDFEIRITEGPIAYFNKIYVTGNDKTNDHVIYRELRTKPGN
KYSKEELVRTIREIGQLGFFDPESIKPEFRNVDPAAGTVDIEYQLVEKGSSQVELQGGYGGGGFIGTLGLSFNNFSARKL
FDKDAYKPLPMGDGQKVALRLQGSTYFQTYSLSFSEPWFGGKKPVQFSSSISYSKQFNYNYSSRDVNRNQSFNIFTVQVG
LAKRLTVPDDYFVLSQSVSYQHYDLNNYYTGLFTFGNGASRNLAYTIGLSRSNKGVNPIFPTYGSEFSISAKVTPPYSLF
NNINYGDLQNQKEYKTQYTGTTTTTGIDGQAINPGDYTKTETVNGQSGTVSVGSDYKSADTDVGKVDQKKYNWLEYYKVK
FKADWYTKIYGKLVLRTLTEFGFLGAYDQSRGVVPFERFYLGGDGMANYSMDGRETIQLRGYPNNSLTPIIEDRNSSRYG
QQIGATIYNKFSMELRYPITLKSSASIYALTFLEAGSSYPTFKDYNPFDLNRSAGAGLRVFMPAFGLLGIDFGYGFDALP
GSTTNKANGWETHFIIGQQF
;
A
2 'polypeptide(L)'
;MKNKLGVFVVCLFCQIMLGQNGTRKSLHGQVTNKSLAIESGYVMNINAKSRTFIGPGGLFDILAQPKDTLLFTGIAFQSK
KIVLTEKDCSQILFSVSLDLVSNELKEVLVRKDLKVKSLDSNTQKYVDMQFEDDRQSTAKNTVMYSDQTIKYGTDFVRIF
KDVKKLLSKNNEKEEVISDIAFVEYSKANFKPDFYTKTLGLKPDEVDLFLMFCSNDPESKRHLNEDQKFELIDFLINKNA
EFKKVNAAQ
;
E
#
# COMPACT_ATOMS: atom_id res chain seq x y z
N TYR A 284 37.70 -22.35 -30.88
CA TYR A 284 36.39 -22.72 -31.42
C TYR A 284 35.41 -21.57 -31.31
N TYR A 285 34.57 -21.41 -32.32
CA TYR A 285 33.57 -20.35 -32.33
C TYR A 285 32.28 -20.86 -32.94
N PHE A 286 31.18 -20.21 -32.55
CA PHE A 286 29.86 -20.55 -33.09
C PHE A 286 29.80 -20.26 -34.58
N GLY A 287 28.75 -20.79 -35.22
CA GLY A 287 28.46 -20.40 -36.59
C GLY A 287 27.12 -20.88 -37.11
N ASN A 288 26.35 -19.95 -37.69
CA ASN A 288 25.14 -20.27 -38.45
C ASN A 288 24.12 -21.05 -37.62
N ILE A 289 23.62 -20.40 -36.57
CA ILE A 289 22.53 -20.97 -35.78
C ILE A 289 21.26 -20.87 -36.60
N LYS A 290 20.74 -22.02 -37.03
CA LYS A 290 19.57 -22.10 -37.89
C LYS A 290 18.42 -22.75 -37.14
N PHE A 291 17.21 -22.27 -37.38
CA PHE A 291 16.03 -22.78 -36.71
C PHE A 291 15.14 -23.51 -37.71
N LEU A 292 14.81 -24.76 -37.40
CA LEU A 292 14.13 -25.66 -38.32
C LEU A 292 12.75 -26.03 -37.77
N GLY A 293 11.77 -26.06 -38.66
CA GLY A 293 10.46 -26.60 -38.34
C GLY A 293 9.67 -25.86 -37.30
N ASN A 294 9.76 -24.53 -37.28
CA ASN A 294 8.96 -23.72 -36.37
C ASN A 294 8.06 -22.82 -37.22
N THR A 295 6.74 -22.95 -37.02
CA THR A 295 5.77 -22.20 -37.79
C THR A 295 4.96 -21.22 -36.96
N VAL A 296 4.88 -21.39 -35.64
CA VAL A 296 4.15 -20.44 -34.81
C VAL A 296 4.88 -19.11 -34.78
N TYR A 297 6.18 -19.14 -34.52
CA TYR A 297 7.03 -17.96 -34.58
C TYR A 297 7.92 -18.06 -35.82
N SER A 298 8.21 -16.92 -36.41
CA SER A 298 9.12 -16.89 -37.54
C SER A 298 10.56 -17.11 -37.06
N ASP A 299 11.46 -17.27 -38.02
CA ASP A 299 12.88 -17.44 -37.71
C ASP A 299 13.42 -16.18 -37.03
N GLN A 300 13.00 -15.01 -37.51
CA GLN A 300 13.61 -13.75 -37.07
C GLN A 300 13.36 -13.48 -35.60
N GLN A 301 12.11 -13.64 -35.15
CA GLN A 301 11.79 -13.35 -33.75
C GLN A 301 12.53 -14.28 -32.81
N LEU A 302 12.57 -15.58 -33.14
CA LEU A 302 13.30 -16.51 -32.30
C LEU A 302 14.80 -16.22 -32.29
N ASN A 303 15.37 -15.80 -33.43
CA ASN A 303 16.77 -15.39 -33.44
C ASN A 303 16.99 -14.19 -32.54
N ARG A 304 16.07 -13.22 -32.56
CA ARG A 304 16.18 -12.09 -31.64
C ARG A 304 16.12 -12.54 -30.20
N TYR A 305 15.31 -13.58 -29.93
CA TYR A 305 15.20 -14.09 -28.56
C TYR A 305 16.44 -14.88 -28.13
N LEU A 306 17.14 -15.49 -29.09
CA LEU A 306 18.34 -16.26 -28.75
C LEU A 306 19.49 -15.34 -28.36
N GLY A 307 19.71 -14.29 -29.14
CA GLY A 307 20.79 -13.35 -28.86
C GLY A 307 22.19 -13.91 -28.97
N ILE A 308 22.42 -14.83 -29.91
CA ILE A 308 23.73 -15.39 -30.17
C ILE A 308 24.12 -15.06 -31.60
N LYS A 309 25.29 -14.49 -31.79
CA LYS A 309 25.76 -14.06 -33.10
C LYS A 309 26.98 -14.87 -33.52
N LYS A 310 27.13 -15.03 -34.84
CA LYS A 310 28.27 -15.75 -35.39
C LYS A 310 29.58 -15.05 -35.04
N GLY A 311 30.61 -15.85 -34.75
CA GLY A 311 31.93 -15.36 -34.45
C GLY A 311 32.28 -15.34 -32.97
N GLU A 312 31.28 -15.41 -32.09
CA GLU A 312 31.54 -15.41 -30.66
C GLU A 312 32.15 -16.73 -30.22
N THR A 313 32.79 -16.70 -29.05
CA THR A 313 33.38 -17.91 -28.50
C THR A 313 32.29 -18.87 -28.03
N TYR A 314 32.46 -20.14 -28.38
CA TYR A 314 31.48 -21.15 -27.99
C TYR A 314 31.35 -21.24 -26.48
N ASN A 315 30.11 -21.25 -26.00
CA ASN A 315 29.82 -21.40 -24.57
C ASN A 315 28.58 -22.28 -24.46
N GLY A 316 28.79 -23.59 -24.33
CA GLY A 316 27.66 -24.51 -24.25
C GLY A 316 26.75 -24.23 -23.08
N VAL A 317 27.32 -23.82 -21.94
CA VAL A 317 26.51 -23.42 -20.81
C VAL A 317 25.62 -22.24 -21.17
N LEU A 318 26.18 -21.26 -21.88
CA LEU A 318 25.37 -20.11 -22.31
C LEU A 318 24.28 -20.53 -23.28
N LEU A 319 24.61 -21.45 -24.20
CA LEU A 319 23.61 -21.92 -25.15
C LEU A 319 22.45 -22.61 -24.45
N GLU A 320 22.76 -23.50 -23.50
CA GLU A 320 21.69 -24.16 -22.75
C GLU A 320 20.92 -23.17 -21.89
N LYS A 321 21.58 -22.19 -21.31
CA LYS A 321 20.88 -21.21 -20.48
C LYS A 321 19.92 -20.37 -21.29
N ARG A 322 20.34 -19.94 -22.49
CA ARG A 322 19.44 -19.20 -23.36
C ARG A 322 18.31 -20.08 -23.87
N ILE A 323 18.59 -21.36 -24.15
CA ILE A 323 17.56 -22.27 -24.62
C ILE A 323 16.51 -22.47 -23.54
N ALA A 324 16.94 -22.81 -22.32
CA ALA A 324 16.00 -23.08 -21.24
C ALA A 324 16.73 -22.81 -19.92
N ASP A 325 16.45 -21.67 -19.31
CA ASP A 325 16.97 -21.32 -18.00
C ASP A 325 16.11 -22.02 -16.96
N ASN A 326 16.47 -23.28 -16.66
CA ASN A 326 15.72 -24.06 -15.69
C ASN A 326 15.84 -23.53 -14.27
N THR A 327 16.80 -22.65 -14.02
CA THR A 327 17.02 -22.14 -12.67
C THR A 327 15.84 -21.30 -12.20
N LYS A 328 15.22 -20.54 -13.10
CA LYS A 328 14.16 -19.63 -12.72
C LYS A 328 12.92 -19.86 -13.57
N PRO A 329 11.74 -19.62 -13.01
CA PRO A 329 10.50 -19.82 -13.77
C PRO A 329 10.14 -18.67 -14.69
N ASP A 330 10.68 -17.48 -14.47
CA ASP A 330 10.35 -16.31 -15.26
C ASP A 330 11.48 -15.91 -16.22
N GLY A 331 12.44 -16.80 -16.45
CA GLY A 331 13.53 -16.49 -17.35
C GLY A 331 13.07 -16.31 -18.77
N GLU A 332 13.78 -15.45 -19.50
CA GLU A 332 13.48 -15.16 -20.90
C GLU A 332 14.14 -16.21 -21.78
N ASP A 333 13.62 -17.43 -21.67
CA ASP A 333 14.15 -18.60 -22.38
C ASP A 333 13.11 -19.12 -23.37
N ILE A 334 13.58 -19.89 -24.36
CA ILE A 334 12.73 -20.25 -25.48
C ILE A 334 11.67 -21.27 -25.06
N THR A 335 12.02 -22.18 -24.14
CA THR A 335 11.05 -23.19 -23.71
C THR A 335 9.86 -22.55 -23.02
N ASN A 336 10.12 -21.55 -22.17
CA ASN A 336 9.04 -20.81 -21.55
C ASN A 336 8.36 -19.89 -22.55
N LEU A 337 9.08 -19.45 -23.58
CA LEU A 337 8.46 -18.67 -24.63
C LEU A 337 7.36 -19.46 -25.31
N TYR A 338 7.63 -20.74 -25.60
CA TYR A 338 6.60 -21.59 -26.17
C TYR A 338 5.54 -21.98 -25.14
N GLN A 339 5.99 -22.35 -23.94
CA GLN A 339 5.10 -22.90 -22.92
C GLN A 339 4.16 -21.86 -22.32
N ASN A 340 4.45 -20.57 -22.46
CA ASN A 340 3.61 -19.55 -21.87
C ASN A 340 2.38 -19.24 -22.70
N ASN A 341 2.34 -19.66 -23.96
CA ASN A 341 1.16 -19.48 -24.80
C ASN A 341 0.46 -20.78 -25.11
N GLY A 342 0.91 -21.90 -24.54
CA GLY A 342 0.12 -23.11 -24.52
C GLY A 342 0.62 -24.26 -25.34
N TYR A 343 1.76 -24.12 -26.02
CA TYR A 343 2.34 -25.24 -26.76
C TYR A 343 3.19 -26.07 -25.80
N LEU A 344 2.50 -26.66 -24.82
CA LEU A 344 3.17 -27.37 -23.74
C LEU A 344 3.98 -28.56 -24.24
N PHE A 345 3.67 -29.06 -25.44
CA PHE A 345 4.36 -30.21 -25.99
C PHE A 345 5.58 -29.82 -26.83
N SER A 346 5.94 -28.54 -26.84
CA SER A 346 7.09 -28.08 -27.62
C SER A 346 8.38 -28.53 -26.96
N LYS A 347 9.29 -29.08 -27.76
CA LYS A 347 10.59 -29.53 -27.28
C LYS A 347 11.68 -28.91 -28.14
N ILE A 348 12.65 -28.30 -27.49
CA ILE A 348 13.77 -27.63 -28.16
C ILE A 348 15.03 -28.41 -27.84
N ASN A 349 15.62 -29.04 -28.86
CA ASN A 349 16.84 -29.79 -28.72
C ASN A 349 17.86 -29.32 -29.75
N ALA A 350 19.13 -29.47 -29.41
CA ALA A 350 20.23 -29.00 -30.24
C ALA A 350 21.02 -30.19 -30.77
N VAL A 351 21.35 -30.16 -32.06
CA VAL A 351 22.14 -31.19 -32.70
C VAL A 351 23.30 -30.52 -33.43
N GLU A 352 24.52 -30.98 -33.15
CA GLU A 352 25.72 -30.42 -33.76
C GLU A 352 25.94 -31.11 -35.09
N VAL A 353 26.04 -30.32 -36.16
CA VAL A 353 26.15 -30.88 -37.50
C VAL A 353 27.59 -30.96 -37.98
N LYS A 354 28.35 -29.88 -37.84
CA LYS A 354 29.68 -29.84 -38.41
C LYS A 354 30.59 -29.01 -37.53
N THR A 355 31.87 -29.38 -37.54
CA THR A 355 32.91 -28.66 -36.79
C THR A 355 34.13 -28.54 -37.71
N VAL A 356 34.20 -27.43 -38.44
CA VAL A 356 35.27 -27.22 -39.40
C VAL A 356 35.79 -25.79 -39.25
N ASN A 357 37.07 -25.61 -39.57
CA ASN A 357 37.76 -24.33 -39.46
C ASN A 357 37.65 -23.77 -38.04
N ASP A 358 37.74 -24.67 -37.06
CA ASP A 358 37.55 -24.31 -35.64
C ASP A 358 36.24 -23.55 -35.44
N THR A 359 35.20 -23.97 -36.13
CA THR A 359 33.89 -23.34 -36.07
C THR A 359 32.82 -24.42 -36.06
N ILE A 360 31.85 -24.29 -35.17
CA ILE A 360 30.82 -25.30 -34.95
C ILE A 360 29.48 -24.76 -35.44
N ASP A 361 28.79 -25.55 -36.25
CA ASP A 361 27.50 -25.17 -36.79
C ASP A 361 26.40 -26.00 -36.13
N PHE A 362 25.19 -25.45 -36.10
CA PHE A 362 24.07 -26.03 -35.37
C PHE A 362 22.83 -26.05 -36.24
N GLU A 363 21.84 -26.83 -35.82
CA GLU A 363 20.46 -26.74 -36.30
C GLU A 363 19.56 -26.96 -35.10
N ILE A 364 18.99 -25.88 -34.57
CA ILE A 364 18.03 -26.02 -33.47
C ILE A 364 16.72 -26.54 -34.02
N ARG A 365 16.22 -27.62 -33.43
CA ARG A 365 15.01 -28.29 -33.88
C ARG A 365 13.88 -28.00 -32.90
N ILE A 366 12.71 -27.64 -33.44
CA ILE A 366 11.53 -27.35 -32.64
C ILE A 366 10.40 -28.26 -33.10
N THR A 367 9.78 -28.94 -32.15
CA THR A 367 8.64 -29.82 -32.39
C THR A 367 7.50 -29.31 -31.52
N GLU A 368 6.53 -28.63 -32.13
CA GLU A 368 5.59 -27.80 -31.38
C GLU A 368 4.46 -28.62 -30.78
N GLY A 369 3.61 -29.20 -31.61
CA GLY A 369 2.43 -29.88 -31.14
C GLY A 369 1.23 -28.96 -30.98
N PRO A 370 0.08 -29.52 -30.66
CA PRO A 370 -1.14 -28.72 -30.62
C PRO A 370 -1.23 -27.83 -29.40
N ILE A 371 -2.17 -26.88 -29.46
CA ILE A 371 -2.40 -25.96 -28.34
C ILE A 371 -3.10 -26.70 -27.21
N ALA A 372 -2.86 -26.24 -25.99
CA ALA A 372 -3.39 -26.88 -24.80
C ALA A 372 -4.55 -26.07 -24.22
N TYR A 373 -5.69 -26.74 -24.01
CA TYR A 373 -6.86 -26.14 -23.39
C TYR A 373 -7.23 -26.92 -22.14
N PHE A 374 -7.37 -26.21 -21.01
CA PHE A 374 -7.84 -26.85 -19.80
C PHE A 374 -9.25 -27.40 -20.01
N ASN A 375 -9.54 -28.54 -19.39
CA ASN A 375 -10.84 -29.17 -19.50
C ASN A 375 -11.58 -29.21 -18.17
N LYS A 376 -10.99 -29.81 -17.15
CA LYS A 376 -11.57 -29.88 -15.82
C LYS A 376 -10.50 -29.54 -14.80
N ILE A 377 -10.82 -28.61 -13.90
CA ILE A 377 -9.88 -28.14 -12.90
C ILE A 377 -10.46 -28.47 -11.54
N TYR A 378 -9.79 -29.33 -10.78
CA TYR A 378 -10.29 -29.71 -9.47
C TYR A 378 -9.16 -29.67 -8.45
N VAL A 379 -9.55 -29.55 -7.19
CA VAL A 379 -8.61 -29.48 -6.07
C VAL A 379 -8.89 -30.65 -5.14
N THR A 380 -7.82 -31.26 -4.64
CA THR A 380 -7.92 -32.36 -3.70
C THR A 380 -6.93 -32.15 -2.56
N GLY A 381 -7.33 -32.57 -1.36
CA GLY A 381 -6.54 -32.38 -0.17
C GLY A 381 -7.02 -31.28 0.75
N ASN A 382 -8.15 -30.64 0.45
CA ASN A 382 -8.67 -29.55 1.26
C ASN A 382 -9.08 -30.05 2.64
N ASP A 387 -15.07 -25.58 -0.23
CA ASP A 387 -14.69 -25.90 -1.61
C ASP A 387 -14.86 -24.70 -2.53
N HIS A 388 -16.02 -24.06 -2.44
CA HIS A 388 -16.30 -22.90 -3.28
C HIS A 388 -15.30 -21.77 -3.02
N VAL A 389 -14.79 -21.68 -1.79
CA VAL A 389 -13.80 -20.65 -1.47
C VAL A 389 -12.56 -20.81 -2.34
N ILE A 390 -12.09 -22.05 -2.50
CA ILE A 390 -10.90 -22.29 -3.31
C ILE A 390 -11.21 -22.09 -4.79
N TYR A 391 -12.36 -22.60 -5.24
CA TYR A 391 -12.68 -22.53 -6.67
C TYR A 391 -12.89 -21.11 -7.14
N ARG A 392 -13.41 -20.23 -6.28
CA ARG A 392 -13.65 -18.86 -6.69
C ARG A 392 -12.34 -18.12 -6.99
N GLU A 393 -11.22 -18.56 -6.43
CA GLU A 393 -9.94 -17.86 -6.57
C GLU A 393 -9.00 -18.58 -7.53
N LEU A 394 -9.53 -19.23 -8.56
CA LEU A 394 -8.71 -19.92 -9.55
C LEU A 394 -8.59 -19.07 -10.80
N ARG A 395 -7.36 -18.84 -11.23
CA ARG A 395 -7.11 -18.15 -12.48
C ARG A 395 -7.14 -19.11 -13.68
N THR A 396 -6.94 -20.40 -13.44
CA THR A 396 -6.91 -21.41 -14.49
C THR A 396 -8.31 -21.98 -14.69
N LYS A 397 -9.15 -21.19 -15.36
CA LYS A 397 -10.52 -21.59 -15.60
C LYS A 397 -10.60 -22.63 -16.70
N PRO A 398 -11.63 -23.47 -16.70
CA PRO A 398 -11.83 -24.39 -17.82
C PRO A 398 -12.06 -23.65 -19.13
N GLY A 399 -11.57 -24.24 -20.21
CA GLY A 399 -11.74 -23.67 -21.54
C GLY A 399 -10.77 -22.57 -21.89
N ASN A 400 -9.84 -22.23 -21.01
CA ASN A 400 -8.87 -21.17 -21.25
C ASN A 400 -7.60 -21.75 -21.87
N LYS A 401 -6.93 -20.92 -22.68
CA LYS A 401 -5.65 -21.31 -23.24
C LYS A 401 -4.63 -21.50 -22.12
N TYR A 402 -3.84 -22.56 -22.23
CA TYR A 402 -2.87 -22.85 -21.18
C TYR A 402 -1.87 -21.71 -21.06
N SER A 403 -1.54 -21.36 -19.83
CA SER A 403 -0.50 -20.36 -19.57
C SER A 403 0.13 -20.67 -18.22
N LYS A 404 1.45 -20.82 -18.20
CA LYS A 404 2.15 -21.07 -16.95
C LYS A 404 2.01 -19.89 -16.00
N GLU A 405 1.83 -18.68 -16.53
CA GLU A 405 1.63 -17.52 -15.67
C GLU A 405 0.36 -17.66 -14.85
N GLU A 406 -0.70 -18.21 -15.45
CA GLU A 406 -1.93 -18.44 -14.71
C GLU A 406 -1.74 -19.45 -13.59
N LEU A 407 -0.99 -20.53 -13.85
CA LEU A 407 -0.74 -21.51 -12.81
C LEU A 407 0.07 -20.92 -11.68
N VAL A 408 1.09 -20.13 -12.00
CA VAL A 408 1.89 -19.47 -10.96
C VAL A 408 1.02 -18.52 -10.15
N ARG A 409 0.14 -17.76 -10.82
CA ARG A 409 -0.70 -16.81 -10.11
C ARG A 409 -1.68 -17.52 -9.19
N THR A 410 -2.25 -18.65 -9.65
CA THR A 410 -3.15 -19.41 -8.79
C THR A 410 -2.40 -19.98 -7.59
N ILE A 411 -1.19 -20.47 -7.80
CA ILE A 411 -0.36 -20.93 -6.67
C ILE A 411 -0.16 -19.81 -5.67
N ARG A 412 0.22 -18.63 -6.16
CA ARG A 412 0.49 -17.50 -5.27
C ARG A 412 -0.75 -17.08 -4.51
N GLU A 413 -1.92 -17.07 -5.19
CA GLU A 413 -3.15 -16.65 -4.53
C GLU A 413 -3.60 -17.65 -3.48
N ILE A 414 -3.55 -18.94 -3.79
CA ILE A 414 -3.89 -19.94 -2.79
C ILE A 414 -2.94 -19.85 -1.61
N GLY A 415 -1.65 -19.59 -1.86
CA GLY A 415 -0.72 -19.39 -0.76
C GLY A 415 -1.06 -18.17 0.07
N GLN A 416 -1.47 -17.08 -0.58
CA GLN A 416 -1.86 -15.88 0.15
C GLN A 416 -3.15 -16.06 0.93
N LEU A 417 -3.97 -17.06 0.58
CA LEU A 417 -5.14 -17.36 1.40
C LEU A 417 -4.72 -17.73 2.82
N GLY A 418 -3.67 -18.53 2.96
CA GLY A 418 -3.04 -18.76 4.24
C GLY A 418 -3.37 -20.07 4.91
N PHE A 419 -4.43 -20.76 4.49
CA PHE A 419 -4.81 -22.00 5.17
C PHE A 419 -3.85 -23.14 4.88
N PHE A 420 -3.13 -23.11 3.76
CA PHE A 420 -2.43 -24.27 3.25
C PHE A 420 -0.93 -24.05 3.26
N ASP A 421 -0.20 -25.16 3.25
CA ASP A 421 1.25 -25.13 3.41
C ASP A 421 1.86 -24.49 2.16
N PRO A 422 2.60 -23.38 2.30
CA PRO A 422 3.07 -22.67 1.11
C PRO A 422 4.07 -23.45 0.27
N GLU A 423 4.72 -24.47 0.82
CA GLU A 423 5.79 -25.15 0.12
C GLU A 423 5.31 -26.32 -0.74
N SER A 424 4.04 -26.71 -0.65
CA SER A 424 3.57 -27.90 -1.35
C SER A 424 2.23 -27.64 -2.02
N ILE A 425 2.09 -26.50 -2.69
CA ILE A 425 0.91 -26.22 -3.52
C ILE A 425 1.27 -26.76 -4.90
N LYS A 426 0.85 -27.99 -5.17
CA LYS A 426 1.39 -28.72 -6.31
C LYS A 426 0.39 -28.85 -7.44
N PRO A 427 0.59 -28.18 -8.57
CA PRO A 427 -0.26 -28.45 -9.75
C PRO A 427 0.26 -29.67 -10.49
N GLU A 428 -0.56 -30.69 -10.61
CA GLU A 428 -0.14 -31.94 -11.22
C GLU A 428 -1.11 -32.29 -12.34
N PHE A 429 -0.57 -32.76 -13.45
CA PHE A 429 -1.33 -32.90 -14.69
C PHE A 429 -1.92 -34.31 -14.77
N ARG A 430 -3.20 -34.38 -15.09
CA ARG A 430 -3.89 -35.64 -15.34
C ARG A 430 -4.65 -35.56 -16.65
N ASN A 431 -4.84 -36.75 -17.24
CA ASN A 431 -5.59 -36.91 -18.49
C ASN A 431 -5.03 -36.03 -19.59
N VAL A 432 -3.70 -35.95 -19.67
CA VAL A 432 -3.07 -35.23 -20.76
C VAL A 432 -3.27 -36.04 -22.03
N ASP A 433 -4.17 -35.56 -22.91
CA ASP A 433 -4.44 -36.22 -24.19
C ASP A 433 -3.93 -35.35 -25.31
N PRO A 434 -2.69 -35.53 -25.77
CA PRO A 434 -2.23 -34.76 -26.93
C PRO A 434 -3.02 -35.04 -28.18
N ALA A 435 -3.75 -36.16 -28.23
CA ALA A 435 -4.57 -36.47 -29.39
C ALA A 435 -5.67 -35.44 -29.60
N ALA A 436 -6.35 -35.05 -28.52
CA ALA A 436 -7.41 -34.06 -28.60
C ALA A 436 -6.97 -32.67 -28.14
N GLY A 437 -5.72 -32.51 -27.72
CA GLY A 437 -5.25 -31.21 -27.27
C GLY A 437 -5.89 -30.71 -25.99
N THR A 438 -5.96 -31.54 -24.96
CA THR A 438 -6.55 -31.17 -23.69
C THR A 438 -5.58 -31.46 -22.55
N VAL A 439 -5.87 -30.90 -21.38
CA VAL A 439 -5.04 -31.08 -20.19
C VAL A 439 -5.92 -30.90 -18.96
N ASP A 440 -5.68 -31.72 -17.94
CA ASP A 440 -6.39 -31.61 -16.67
C ASP A 440 -5.40 -31.25 -15.56
N ILE A 441 -5.83 -30.40 -14.63
CA ILE A 441 -4.98 -29.97 -13.52
C ILE A 441 -5.64 -30.38 -12.21
N GLU A 442 -4.87 -30.99 -11.32
CA GLU A 442 -5.27 -31.21 -9.95
C GLU A 442 -4.32 -30.47 -9.04
N TYR A 443 -4.85 -29.75 -8.06
CA TYR A 443 -4.05 -29.00 -7.10
C TYR A 443 -3.94 -29.81 -5.83
N GLN A 444 -2.73 -30.33 -5.57
CA GLN A 444 -2.45 -31.02 -4.33
C GLN A 444 -2.11 -30.01 -3.25
N LEU A 445 -2.85 -30.07 -2.14
CA LEU A 445 -2.72 -29.14 -1.03
C LEU A 445 -2.72 -29.91 0.28
N VAL A 446 -2.16 -29.28 1.31
CA VAL A 446 -2.15 -29.83 2.67
C VAL A 446 -2.64 -28.76 3.62
N GLU A 447 -3.65 -29.09 4.43
CA GLU A 447 -4.16 -28.16 5.42
C GLU A 447 -3.13 -27.89 6.51
N LYS A 448 -3.08 -26.65 6.97
CA LYS A 448 -2.22 -26.28 8.08
C LYS A 448 -2.90 -25.29 9.02
N GLY A 449 -4.22 -25.30 9.07
CA GLY A 449 -4.95 -24.44 9.98
C GLY A 449 -5.42 -23.13 9.39
N SER A 450 -6.58 -22.65 9.85
CA SER A 450 -7.12 -21.39 9.34
C SER A 450 -6.58 -20.18 10.10
N SER A 451 -6.39 -20.32 11.41
CA SER A 451 -5.97 -19.19 12.24
C SER A 451 -4.55 -18.76 11.89
N GLN A 452 -4.20 -17.54 12.30
CA GLN A 452 -2.87 -17.02 12.08
C GLN A 452 -2.52 -16.02 13.18
N VAL A 453 -1.23 -15.93 13.47
CA VAL A 453 -0.68 -14.92 14.37
C VAL A 453 0.35 -14.12 13.59
N GLU A 454 0.41 -12.81 13.86
CA GLU A 454 1.27 -11.92 13.11
C GLU A 454 1.90 -10.90 14.03
N LEU A 455 3.22 -10.75 13.91
CA LEU A 455 3.95 -9.69 14.60
C LEU A 455 4.69 -8.91 13.52
N GLN A 456 4.31 -7.66 13.31
CA GLN A 456 4.89 -6.85 12.24
C GLN A 456 5.44 -5.55 12.81
N GLY A 457 6.36 -4.95 12.05
CA GLY A 457 7.00 -3.73 12.51
C GLY A 457 7.37 -2.83 11.36
N GLY A 458 7.70 -1.59 11.71
CA GLY A 458 8.08 -0.60 10.72
C GLY A 458 8.66 0.62 11.41
N TYR A 459 9.06 1.59 10.60
CA TYR A 459 9.69 2.81 11.10
C TYR A 459 9.18 3.98 10.26
N GLY A 460 8.84 5.07 10.92
CA GLY A 460 8.45 6.28 10.22
C GLY A 460 8.30 7.42 11.20
N GLY A 461 8.43 8.63 10.66
CA GLY A 461 8.33 9.82 11.48
C GLY A 461 9.36 9.90 12.58
N GLY A 462 10.48 9.19 12.42
CA GLY A 462 11.48 9.14 13.48
C GLY A 462 11.12 8.22 14.63
N GLY A 463 10.15 7.34 14.45
CA GLY A 463 9.72 6.46 15.53
C GLY A 463 9.36 5.10 15.00
N PHE A 464 9.56 4.09 15.85
CA PHE A 464 9.20 2.73 15.51
C PHE A 464 7.68 2.54 15.57
N ILE A 465 7.21 1.45 14.99
CA ILE A 465 5.80 1.10 15.02
C ILE A 465 5.68 -0.41 14.96
N GLY A 466 4.72 -0.97 15.69
CA GLY A 466 4.58 -2.41 15.70
C GLY A 466 3.19 -2.93 15.98
N THR A 467 2.80 -4.02 15.33
CA THR A 467 1.46 -4.58 15.49
C THR A 467 1.55 -6.04 15.91
N LEU A 468 0.67 -6.42 16.82
CA LEU A 468 0.40 -7.80 17.19
C LEU A 468 -1.03 -8.12 16.76
N GLY A 469 -1.20 -9.18 15.99
CA GLY A 469 -2.52 -9.50 15.47
C GLY A 469 -2.84 -10.97 15.49
N LEU A 470 -4.02 -11.31 15.96
CA LEU A 470 -4.52 -12.68 15.92
C LEU A 470 -5.70 -12.68 14.96
N SER A 471 -5.56 -13.41 13.85
CA SER A 471 -6.51 -13.33 12.76
C SER A 471 -7.06 -14.70 12.44
N PHE A 472 -8.35 -14.89 12.67
CA PHE A 472 -9.06 -16.09 12.24
CA PHE A 472 -9.05 -16.10 12.24
C PHE A 472 -9.58 -15.86 10.83
N ASN A 473 -9.02 -16.58 9.85
CA ASN A 473 -9.35 -16.36 8.45
C ASN A 473 -10.53 -17.19 7.99
N ASN A 474 -11.42 -17.58 8.89
CA ASN A 474 -12.65 -18.28 8.55
C ASN A 474 -13.65 -18.07 9.67
N PHE A 475 -14.81 -17.49 9.36
CA PHE A 475 -15.77 -17.20 10.42
C PHE A 475 -17.16 -17.74 10.15
N SER A 476 -17.62 -17.67 8.91
CA SER A 476 -18.98 -18.12 8.54
C SER A 476 -20.00 -17.36 9.40
N ALA A 477 -21.15 -17.99 9.65
CA ALA A 477 -22.19 -17.39 10.48
C ALA A 477 -22.57 -18.31 11.63
N PRO A 490 -16.11 -20.22 13.66
CA PRO A 490 -16.59 -21.41 12.95
C PRO A 490 -15.88 -21.65 11.62
N MET A 491 -16.02 -22.86 11.09
CA MET A 491 -15.45 -23.20 9.79
C MET A 491 -16.35 -22.69 8.67
N GLY A 492 -15.76 -22.51 7.49
CA GLY A 492 -16.55 -22.19 6.32
C GLY A 492 -16.01 -21.08 5.45
N ASP A 493 -16.87 -20.09 5.17
CA ASP A 493 -16.58 -19.04 4.18
C ASP A 493 -15.36 -18.21 4.54
N GLY A 494 -14.89 -17.41 3.58
CA GLY A 494 -13.60 -16.76 3.69
C GLY A 494 -13.56 -15.52 4.56
N GLN A 495 -14.67 -15.23 5.24
CA GLN A 495 -14.77 -14.07 6.11
C GLN A 495 -13.65 -14.03 7.12
N LYS A 496 -12.85 -12.97 7.10
CA LYS A 496 -11.76 -12.80 8.04
C LYS A 496 -12.20 -12.00 9.26
N VAL A 497 -11.78 -12.42 10.44
CA VAL A 497 -11.99 -11.67 11.67
C VAL A 497 -10.67 -11.58 12.39
N ALA A 498 -10.19 -10.37 12.62
CA ALA A 498 -8.88 -10.16 13.22
C ALA A 498 -8.99 -9.23 14.41
N LEU A 499 -8.29 -9.57 15.49
CA LEU A 499 -8.10 -8.69 16.63
C LEU A 499 -6.66 -8.22 16.61
N ARG A 500 -6.45 -6.91 16.56
CA ARG A 500 -5.14 -6.35 16.34
C ARG A 500 -4.85 -5.23 17.32
N LEU A 501 -3.56 -5.02 17.57
CA LEU A 501 -3.10 -3.95 18.44
C LEU A 501 -1.85 -3.36 17.82
N GLN A 502 -1.85 -2.03 17.65
CA GLN A 502 -0.73 -1.33 17.03
C GLN A 502 -0.20 -0.30 18.01
N GLY A 503 1.11 -0.14 18.05
CA GLY A 503 1.70 0.79 18.99
C GLY A 503 2.92 1.51 18.46
N SER A 504 3.06 2.77 18.88
CA SER A 504 4.24 3.58 18.59
C SER A 504 4.59 4.31 19.88
N THR A 505 5.53 5.25 19.79
CA THR A 505 5.95 5.96 21.00
C THR A 505 4.85 6.87 21.54
N TYR A 506 3.89 7.26 20.69
CA TYR A 506 2.91 8.26 21.07
C TYR A 506 1.47 7.86 20.83
N PHE A 507 1.19 6.67 20.32
CA PHE A 507 -0.20 6.26 20.16
C PHE A 507 -0.32 4.74 20.20
N GLN A 508 -1.41 4.29 20.83
CA GLN A 508 -1.70 2.87 20.96
C GLN A 508 -3.14 2.62 20.53
N THR A 509 -3.33 1.69 19.60
CA THR A 509 -4.64 1.40 19.02
C THR A 509 -4.98 -0.06 19.21
N TYR A 510 -6.25 -0.31 19.56
CA TYR A 510 -6.81 -1.65 19.67
C TYR A 510 -7.97 -1.74 18.69
N SER A 511 -8.09 -2.85 17.98
CA SER A 511 -9.09 -2.90 16.92
C SER A 511 -9.60 -4.31 16.72
N LEU A 512 -10.88 -4.39 16.34
CA LEU A 512 -11.52 -5.61 15.88
C LEU A 512 -12.03 -5.35 14.47
N SER A 513 -11.62 -6.20 13.52
CA SER A 513 -11.90 -5.95 12.10
C SER A 513 -12.48 -7.22 11.48
N PHE A 514 -13.67 -7.07 10.90
CA PHE A 514 -14.30 -8.10 10.09
C PHE A 514 -14.24 -7.71 8.62
N SER A 515 -13.99 -8.71 7.76
CA SER A 515 -13.86 -8.44 6.34
C SER A 515 -14.38 -9.59 5.49
N GLU A 516 -15.38 -9.33 4.66
CA GLU A 516 -15.88 -10.30 3.71
C GLU A 516 -15.30 -9.98 2.36
N PRO A 517 -14.46 -10.85 1.79
CA PRO A 517 -13.85 -10.53 0.48
C PRO A 517 -14.81 -10.63 -0.67
N TRP A 518 -15.74 -11.58 -0.65
CA TRP A 518 -16.69 -11.80 -1.74
C TRP A 518 -18.09 -11.61 -1.16
N PHE A 519 -18.57 -10.38 -1.17
CA PHE A 519 -19.90 -10.07 -0.65
C PHE A 519 -20.94 -10.59 -1.64
N GLY A 520 -21.82 -11.47 -1.17
CA GLY A 520 -22.82 -12.08 -2.01
C GLY A 520 -22.40 -13.37 -2.66
N GLY A 521 -21.09 -13.67 -2.69
CA GLY A 521 -20.60 -14.90 -3.24
C GLY A 521 -20.46 -14.94 -4.75
N LYS A 522 -20.60 -13.81 -5.42
CA LYS A 522 -20.54 -13.75 -6.88
C LYS A 522 -19.37 -12.94 -7.40
N LYS A 523 -19.20 -11.71 -6.93
CA LYS A 523 -18.18 -10.80 -7.42
C LYS A 523 -17.34 -10.30 -6.27
N PRO A 524 -16.11 -9.87 -6.54
CA PRO A 524 -15.23 -9.44 -5.44
C PRO A 524 -15.58 -8.07 -4.89
N VAL A 525 -16.57 -8.03 -4.00
CA VAL A 525 -16.95 -6.82 -3.28
C VAL A 525 -16.53 -7.01 -1.84
N GLN A 526 -15.58 -6.20 -1.38
CA GLN A 526 -15.10 -6.29 -0.02
C GLN A 526 -16.01 -5.48 0.89
N PHE A 527 -16.53 -6.12 1.94
CA PHE A 527 -17.31 -5.47 2.96
C PHE A 527 -16.52 -5.53 4.26
N SER A 528 -16.05 -4.39 4.74
CA SER A 528 -15.20 -4.32 5.91
C SER A 528 -15.90 -3.56 7.03
N SER A 529 -15.56 -3.92 8.26
CA SER A 529 -16.10 -3.28 9.45
C SER A 529 -15.03 -3.31 10.52
N SER A 530 -14.95 -2.24 11.31
CA SER A 530 -13.88 -2.11 12.28
C SER A 530 -14.35 -1.29 13.47
N ILE A 531 -14.13 -1.83 14.66
CA ILE A 531 -14.38 -1.13 15.92
C ILE A 531 -13.04 -0.97 16.61
N SER A 532 -12.63 0.27 16.85
CA SER A 532 -11.30 0.55 17.33
C SER A 532 -11.34 1.58 18.45
N TYR A 533 -10.34 1.50 19.33
CA TYR A 533 -10.15 2.46 20.41
C TYR A 533 -8.67 2.80 20.47
N SER A 534 -8.36 4.09 20.41
CA SER A 534 -6.99 4.54 20.31
C SER A 534 -6.73 5.63 21.32
N LYS A 535 -5.52 5.65 21.86
CA LYS A 535 -5.07 6.70 22.76
C LYS A 535 -3.84 7.34 22.15
N GLN A 536 -3.88 8.65 21.96
CA GLN A 536 -2.84 9.39 21.28
C GLN A 536 -2.37 10.55 22.14
N PHE A 537 -1.06 10.66 22.32
CA PHE A 537 -0.43 11.72 23.08
C PHE A 537 -0.18 12.93 22.19
N ASN A 538 0.17 14.04 22.84
CA ASN A 538 0.76 15.16 22.12
C ASN A 538 2.21 14.82 21.77
N TYR A 539 2.49 14.66 20.49
CA TYR A 539 3.82 14.27 20.03
C TYR A 539 4.46 15.41 19.26
N ASN A 540 5.67 15.79 19.66
CA ASN A 540 6.46 16.78 18.94
C ASN A 540 7.37 16.02 17.99
N TYR A 541 6.95 15.91 16.73
CA TYR A 541 7.67 15.09 15.76
C TYR A 541 9.07 15.61 15.47
N SER A 542 9.31 16.91 15.69
CA SER A 542 10.62 17.47 15.36
C SER A 542 11.68 17.07 16.37
N SER A 543 11.34 17.06 17.65
CA SER A 543 12.30 16.77 18.71
C SER A 543 12.13 15.38 19.31
N ARG A 544 11.06 14.67 18.95
CA ARG A 544 10.84 13.26 19.35
C ARG A 544 10.65 13.12 20.86
N ASP A 545 10.16 14.15 21.53
CA ASP A 545 9.75 14.03 22.92
C ASP A 545 8.22 13.93 22.99
N VAL A 546 7.73 13.38 24.09
CA VAL A 546 6.32 13.10 24.27
C VAL A 546 5.87 13.66 25.61
N ASN A 547 4.68 14.24 25.64
CA ASN A 547 4.05 14.71 26.88
C ASN A 547 2.98 13.70 27.27
N ARG A 548 3.07 13.18 28.48
CA ARG A 548 2.19 12.11 28.94
C ARG A 548 0.90 12.64 29.57
N ASN A 549 0.77 13.96 29.75
CA ASN A 549 -0.38 14.54 30.40
C ASN A 549 -1.31 15.26 29.44
N GLN A 550 -1.10 15.10 28.13
CA GLN A 550 -1.95 15.70 27.11
C GLN A 550 -2.30 14.60 26.11
N SER A 551 -3.51 14.06 26.20
CA SER A 551 -3.82 12.85 25.45
C SER A 551 -5.30 12.79 25.12
N PHE A 552 -5.63 12.15 24.01
CA PHE A 552 -7.03 12.00 23.63
C PHE A 552 -7.31 10.57 23.18
N ASN A 553 -8.55 10.16 23.41
CA ASN A 553 -9.03 8.82 23.10
C ASN A 553 -10.02 8.90 21.95
N ILE A 554 -9.73 8.18 20.87
CA ILE A 554 -10.59 8.14 19.70
C ILE A 554 -11.28 6.78 19.68
N PHE A 555 -12.60 6.78 19.75
CA PHE A 555 -13.41 5.58 19.60
C PHE A 555 -14.05 5.61 18.23
N THR A 556 -13.75 4.61 17.41
CA THR A 556 -14.10 4.64 16.00
C THR A 556 -14.86 3.39 15.60
N VAL A 557 -15.91 3.60 14.81
CA VAL A 557 -16.69 2.53 14.20
C VAL A 557 -16.79 2.84 12.71
N GLN A 558 -16.20 2.01 11.88
CA GLN A 558 -16.23 2.21 10.44
C GLN A 558 -16.81 1.01 9.73
N VAL A 559 -17.73 1.26 8.81
CA VAL A 559 -18.21 0.27 7.87
C VAL A 559 -17.81 0.74 6.48
N GLY A 560 -17.59 -0.20 5.57
CA GLY A 560 -17.08 0.19 4.27
C GLY A 560 -17.23 -0.91 3.24
N LEU A 561 -17.14 -0.51 1.98
CA LEU A 561 -17.39 -1.40 0.85
C LEU A 561 -16.56 -0.95 -0.34
N ALA A 562 -15.85 -1.90 -0.95
CA ALA A 562 -15.04 -1.64 -2.12
C ALA A 562 -15.45 -2.59 -3.24
N LYS A 563 -15.73 -2.05 -4.42
CA LYS A 563 -16.16 -2.86 -5.54
C LYS A 563 -15.50 -2.39 -6.83
N ARG A 564 -15.24 -3.32 -7.73
CA ARG A 564 -14.63 -3.01 -9.00
C ARG A 564 -15.70 -2.76 -10.05
N LEU A 565 -15.63 -1.63 -10.72
CA LEU A 565 -16.65 -1.24 -11.69
C LEU A 565 -16.70 -2.20 -12.87
N ASP A 569 -15.15 1.32 -17.45
CA ASP A 569 -14.06 0.41 -17.75
C ASP A 569 -14.04 -0.76 -16.77
N ASP A 570 -12.85 -1.32 -16.56
CA ASP A 570 -12.67 -2.46 -15.66
C ASP A 570 -11.45 -2.32 -14.77
N TYR A 571 -10.67 -1.25 -14.93
CA TYR A 571 -9.52 -0.98 -14.07
C TYR A 571 -9.87 -0.12 -12.86
N PHE A 572 -11.14 0.25 -12.69
CA PHE A 572 -11.53 1.20 -11.67
C PHE A 572 -12.06 0.50 -10.44
N VAL A 573 -11.82 1.11 -9.28
CA VAL A 573 -12.29 0.62 -7.99
C VAL A 573 -13.01 1.76 -7.29
N LEU A 574 -14.21 1.48 -6.81
CA LEU A 574 -15.04 2.44 -6.09
C LEU A 574 -15.12 2.02 -4.64
N SER A 575 -14.74 2.91 -3.74
CA SER A 575 -14.65 2.64 -2.32
C SER A 575 -15.54 3.61 -1.56
N GLN A 576 -16.25 3.08 -0.56
CA GLN A 576 -17.19 3.85 0.23
C GLN A 576 -17.01 3.50 1.69
N SER A 577 -17.25 4.46 2.57
CA SER A 577 -17.08 4.25 4.00
C SER A 577 -17.99 5.17 4.78
N VAL A 578 -18.44 4.68 5.94
CA VAL A 578 -19.18 5.47 6.91
C VAL A 578 -18.51 5.27 8.26
N SER A 579 -18.13 6.38 8.91
CA SER A 579 -17.31 6.34 10.10
C SER A 579 -17.88 7.23 11.19
N TYR A 580 -17.87 6.74 12.42
CA TYR A 580 -18.21 7.51 13.60
C TYR A 580 -17.00 7.49 14.54
N GLN A 581 -16.52 8.67 14.91
CA GLN A 581 -15.36 8.79 15.78
C GLN A 581 -15.66 9.76 16.92
N HIS A 582 -15.43 9.31 18.13
CA HIS A 582 -15.59 10.13 19.33
C HIS A 582 -14.21 10.45 19.88
N TYR A 583 -13.89 11.74 19.91
CA TYR A 583 -12.62 12.24 20.44
C TYR A 583 -12.87 12.73 21.85
N ASP A 584 -12.38 11.98 22.84
CA ASP A 584 -12.44 12.38 24.24
C ASP A 584 -11.08 12.96 24.58
N LEU A 585 -11.00 14.29 24.65
CA LEU A 585 -9.77 14.99 24.94
C LEU A 585 -9.45 14.92 26.42
N ASN A 586 -8.17 15.11 26.75
CA ASN A 586 -7.73 15.18 28.14
C ASN A 586 -6.54 16.14 28.16
N ASN A 587 -6.79 17.36 28.64
CA ASN A 587 -5.76 18.37 28.87
C ASN A 587 -5.00 18.70 27.59
N TYR A 588 -5.70 18.73 26.46
CA TYR A 588 -5.06 18.94 25.16
C TYR A 588 -5.15 20.42 24.77
N TYR A 589 -4.33 21.22 25.46
CA TYR A 589 -4.23 22.65 25.21
C TYR A 589 -3.02 22.90 24.32
N THR A 590 -3.08 22.36 23.10
CA THR A 590 -1.92 22.42 22.21
C THR A 590 -2.38 22.82 20.81
N GLY A 591 -1.69 23.80 20.23
CA GLY A 591 -1.98 24.23 18.88
C GLY A 591 -3.21 25.10 18.76
N LEU A 592 -4.18 24.65 17.97
CA LEU A 592 -5.41 25.41 17.74
C LEU A 592 -6.51 25.02 18.71
N PHE A 593 -6.26 24.05 19.58
CA PHE A 593 -7.25 23.58 20.55
C PHE A 593 -7.32 24.54 21.72
N THR A 594 -8.53 24.91 22.13
CA THR A 594 -8.77 25.53 23.41
C THR A 594 -9.78 24.76 24.26
N PHE A 595 -10.45 23.77 23.68
CA PHE A 595 -11.38 22.91 24.41
C PHE A 595 -10.68 21.61 24.79
N GLY A 596 -9.72 21.73 25.70
CA GLY A 596 -8.91 20.58 26.04
C GLY A 596 -9.56 19.55 26.94
N ASN A 597 -10.70 19.87 27.57
CA ASN A 597 -11.35 18.96 28.50
C ASN A 597 -12.71 18.48 28.00
N GLY A 598 -13.08 18.81 26.77
CA GLY A 598 -14.37 18.41 26.22
C GLY A 598 -14.25 17.18 25.36
N ALA A 599 -15.21 17.04 24.45
CA ALA A 599 -15.26 15.90 23.54
C ALA A 599 -15.89 16.34 22.23
N SER A 600 -15.53 15.65 21.16
CA SER A 600 -16.05 15.94 19.83
C SER A 600 -16.53 14.66 19.17
N ARG A 601 -17.46 14.80 18.24
CA ARG A 601 -18.05 13.69 17.52
C ARG A 601 -17.95 13.94 16.02
N ASN A 602 -17.62 12.90 15.27
CA ASN A 602 -17.33 13.02 13.85
C ASN A 602 -18.05 11.91 13.10
N LEU A 603 -18.99 12.28 12.23
CA LEU A 603 -19.72 11.33 11.41
C LEU A 603 -19.40 11.66 9.96
N ALA A 604 -18.74 10.72 9.28
CA ALA A 604 -18.18 10.97 7.96
C ALA A 604 -18.63 9.93 6.96
N TYR A 605 -18.85 10.36 5.73
CA TYR A 605 -19.11 9.51 4.59
C TYR A 605 -18.03 9.77 3.56
N THR A 606 -17.31 8.74 3.17
CA THR A 606 -16.14 8.86 2.32
C THR A 606 -16.34 8.07 1.04
N ILE A 607 -16.01 8.68 -0.09
CA ILE A 607 -16.11 8.03 -1.39
C ILE A 607 -14.77 8.18 -2.09
N GLY A 608 -14.49 7.24 -2.98
CA GLY A 608 -13.22 7.27 -3.68
C GLY A 608 -13.18 6.45 -4.95
N LEU A 609 -12.69 7.05 -6.02
CA LEU A 609 -12.53 6.38 -7.30
C LEU A 609 -11.06 6.27 -7.62
N SER A 610 -10.62 5.05 -7.94
CA SER A 610 -9.21 4.78 -8.19
C SER A 610 -9.05 3.99 -9.47
N ARG A 611 -7.99 4.29 -10.21
CA ARG A 611 -7.63 3.57 -11.42
C ARG A 611 -6.18 3.10 -11.30
N SER A 612 -5.97 1.80 -11.47
CA SER A 612 -4.66 1.20 -11.28
C SER A 612 -4.39 0.16 -12.35
N ASN A 613 -3.32 0.38 -13.10
CA ASN A 613 -2.85 -0.57 -14.11
C ASN A 613 -1.33 -0.64 -14.14
N LYS A 614 -0.70 -0.50 -12.97
CA LYS A 614 0.75 -0.44 -12.88
C LYS A 614 1.38 -1.74 -13.35
N GLY A 615 2.72 -1.73 -13.42
CA GLY A 615 3.47 -2.87 -13.91
C GLY A 615 3.29 -4.11 -13.07
N VAL A 616 3.99 -5.17 -13.50
CA VAL A 616 3.80 -6.48 -12.89
C VAL A 616 4.24 -6.53 -11.42
N ASN A 617 5.36 -5.91 -11.08
CA ASN A 617 5.90 -5.96 -9.72
C ASN A 617 5.40 -4.76 -8.92
N PRO A 618 4.64 -4.96 -7.85
CA PRO A 618 4.20 -3.83 -7.04
C PRO A 618 5.37 -3.05 -6.47
N ILE A 619 6.46 -3.75 -6.15
CA ILE A 619 7.65 -3.08 -5.63
C ILE A 619 8.28 -2.21 -6.70
N PHE A 620 8.44 -2.74 -7.91
CA PHE A 620 9.13 -2.05 -9.00
C PHE A 620 8.29 -2.08 -10.27
N PRO A 621 7.30 -1.19 -10.38
CA PRO A 621 6.55 -1.09 -11.63
C PRO A 621 7.43 -0.57 -12.76
N THR A 622 7.07 -0.95 -14.00
CA THR A 622 7.81 -0.50 -15.16
C THR A 622 6.93 0.08 -16.25
N TYR A 623 5.61 0.11 -16.03
CA TYR A 623 4.68 0.74 -16.98
C TYR A 623 3.31 0.91 -16.36
N GLY A 624 2.73 2.08 -16.48
CA GLY A 624 1.34 2.26 -16.15
C GLY A 624 1.09 3.56 -15.39
N SER A 625 -0.07 3.63 -14.77
CA SER A 625 -0.54 4.83 -14.10
C SER A 625 -1.49 4.44 -12.99
N GLU A 626 -1.57 5.33 -11.99
CA GLU A 626 -2.52 5.20 -10.91
C GLU A 626 -3.10 6.57 -10.61
N PHE A 627 -4.41 6.64 -10.55
CA PHE A 627 -5.12 7.88 -10.22
C PHE A 627 -6.06 7.61 -9.07
N SER A 628 -6.21 8.58 -8.18
CA SER A 628 -7.06 8.43 -7.02
C SER A 628 -7.73 9.75 -6.71
N ILE A 629 -9.06 9.73 -6.62
CA ILE A 629 -9.82 10.90 -6.19
C ILE A 629 -10.70 10.49 -5.02
N SER A 630 -10.63 11.25 -3.94
CA SER A 630 -11.33 10.91 -2.71
C SER A 630 -12.05 12.13 -2.17
N ALA A 631 -13.27 11.93 -1.70
CA ALA A 631 -14.11 13.00 -1.17
C ALA A 631 -14.74 12.52 0.12
N LYS A 632 -14.46 13.23 1.21
CA LYS A 632 -15.03 12.94 2.51
C LYS A 632 -15.95 14.07 2.92
N VAL A 633 -17.19 13.74 3.27
CA VAL A 633 -18.21 14.72 3.59
C VAL A 633 -18.83 14.38 4.94
N THR A 634 -19.13 15.40 5.71
CA THR A 634 -19.93 15.28 6.91
C THR A 634 -21.26 15.99 6.71
N PRO A 635 -22.33 15.56 7.37
CA PRO A 635 -23.64 16.19 7.16
C PRO A 635 -23.60 17.66 7.50
N PRO A 636 -24.26 18.52 6.71
CA PRO A 636 -24.24 19.98 6.95
C PRO A 636 -25.20 20.43 8.05
N TYR A 637 -24.73 20.31 9.30
CA TYR A 637 -25.52 20.70 10.45
C TYR A 637 -25.75 22.21 10.52
N SER A 638 -24.87 22.99 9.88
CA SER A 638 -24.95 24.45 10.01
C SER A 638 -26.25 25.00 9.43
N LEU A 639 -26.69 24.47 8.29
CA LEU A 639 -27.91 24.97 7.66
C LEU A 639 -29.14 24.65 8.49
N PHE A 640 -29.19 23.47 9.10
CA PHE A 640 -30.39 23.07 9.83
C PHE A 640 -30.40 23.61 11.26
N ASN A 641 -29.24 23.67 11.91
CA ASN A 641 -29.17 24.25 13.25
C ASN A 641 -29.28 25.78 13.15
N ASN A 642 -30.34 26.33 13.72
CA ASN A 642 -30.61 27.76 13.64
C ASN A 642 -30.05 28.50 14.86
N ILE A 643 -28.75 28.38 15.02
CA ILE A 643 -28.00 29.15 16.02
C ILE A 643 -26.89 29.89 15.28
N ASN A 644 -26.61 31.12 15.70
CA ASN A 644 -25.74 32.01 14.96
C ASN A 644 -24.31 31.87 15.49
N TYR A 645 -23.37 31.59 14.59
CA TYR A 645 -21.98 31.34 14.97
C TYR A 645 -21.10 32.59 14.89
N GLY A 646 -21.66 33.73 14.50
CA GLY A 646 -20.92 34.96 14.51
C GLY A 646 -21.22 35.78 15.74
N ASP A 647 -22.41 35.57 16.31
CA ASP A 647 -22.85 36.29 17.50
C ASP A 647 -22.77 35.44 18.76
N LEU A 648 -22.08 34.31 18.70
CA LEU A 648 -21.92 33.47 19.90
C LEU A 648 -21.13 34.18 20.97
N GLN A 649 -20.14 34.99 20.58
CA GLN A 649 -19.24 35.64 21.53
C GLN A 649 -19.91 36.75 22.31
N ASN A 650 -21.12 37.16 21.94
CA ASN A 650 -21.84 38.25 22.58
C ASN A 650 -23.07 37.74 23.31
N GLN A 651 -22.98 36.53 23.86
CA GLN A 651 -24.09 35.92 24.59
C GLN A 651 -23.67 35.63 26.01
N LYS A 652 -24.65 35.64 26.92
CA LYS A 652 -24.36 35.53 28.34
C LYS A 652 -23.83 34.15 28.71
N GLU A 653 -24.12 33.13 27.90
CA GLU A 653 -23.73 31.77 28.25
C GLU A 653 -22.30 31.44 27.86
N TYR A 654 -21.57 32.39 27.27
CA TYR A 654 -20.22 32.12 26.78
C TYR A 654 -19.20 33.11 27.31
N LYS A 655 -19.56 33.92 28.29
CA LYS A 655 -18.61 34.86 28.87
C LYS A 655 -17.97 34.29 30.12
N THR A 656 -16.78 34.78 30.44
CA THR A 656 -16.05 34.30 31.60
C THR A 656 -16.76 34.73 32.88
N GLN A 657 -16.93 33.78 33.80
CA GLN A 657 -17.53 34.04 35.10
C GLN A 657 -16.56 33.64 36.19
N TYR A 658 -16.96 33.88 37.43
CA TYR A 658 -16.12 33.53 38.58
C TYR A 658 -16.78 32.45 39.42
N ASN A 673 -17.04 39.59 43.52
CA ASN A 673 -18.32 38.98 43.90
C ASN A 673 -18.55 37.69 43.14
N PRO A 674 -19.09 36.69 43.82
CA PRO A 674 -19.39 35.41 43.14
C PRO A 674 -20.38 35.62 42.00
N GLY A 675 -20.14 34.89 40.91
CA GLY A 675 -20.99 35.00 39.74
C GLY A 675 -20.74 36.20 38.86
N ASP A 676 -19.75 37.02 39.19
CA ASP A 676 -19.46 38.22 38.41
C ASP A 676 -18.65 37.87 37.16
N TYR A 677 -18.57 38.84 36.26
CA TYR A 677 -17.83 38.66 35.01
C TYR A 677 -16.47 39.35 35.11
N THR A 678 -15.50 38.80 34.39
CA THR A 678 -14.12 39.25 34.51
C THR A 678 -13.50 39.41 33.12
N LYS A 679 -12.72 40.47 32.97
CA LYS A 679 -12.07 40.78 31.70
C LYS A 679 -10.71 40.11 31.59
N THR A 689 -7.07 39.21 35.78
CA THR A 689 -8.51 39.22 36.01
C THR A 689 -8.94 40.38 36.91
N VAL A 690 -9.91 41.16 36.42
CA VAL A 690 -10.47 42.28 37.16
C VAL A 690 -11.98 42.21 37.05
N SER A 691 -12.66 42.33 38.19
CA SER A 691 -14.12 42.32 38.18
C SER A 691 -14.64 43.48 37.36
N VAL A 692 -15.61 43.19 36.49
CA VAL A 692 -16.13 44.19 35.56
C VAL A 692 -17.64 44.29 35.74
N GLY A 693 -18.11 43.88 36.92
CA GLY A 693 -19.53 44.00 37.20
C GLY A 693 -20.34 42.95 36.46
N SER A 694 -21.64 43.18 36.40
CA SER A 694 -22.58 42.26 35.76
C SER A 694 -22.97 42.74 34.37
N ASP A 695 -22.08 43.48 33.72
CA ASP A 695 -22.36 43.98 32.37
C ASP A 695 -22.09 42.86 31.38
N TYR A 696 -23.16 42.35 30.76
CA TYR A 696 -23.05 41.13 29.96
C TYR A 696 -22.28 41.34 28.66
N LYS A 697 -22.15 42.57 28.20
CA LYS A 697 -21.36 42.85 27.00
C LYS A 697 -19.86 42.84 27.27
N SER A 698 -19.44 42.92 28.52
CA SER A 698 -18.04 43.03 28.87
C SER A 698 -17.46 41.63 29.09
N ALA A 699 -16.26 41.60 29.68
CA ALA A 699 -15.52 40.38 30.01
C ALA A 699 -14.88 39.80 28.75
N ASP A 700 -14.28 38.62 28.88
CA ASP A 700 -13.56 37.98 27.79
C ASP A 700 -14.37 36.81 27.26
N THR A 701 -14.50 36.76 25.94
CA THR A 701 -15.22 35.67 25.27
C THR A 701 -14.42 34.39 25.49
N ASP A 702 -14.95 33.51 26.34
CA ASP A 702 -14.24 32.29 26.68
C ASP A 702 -14.04 31.43 25.46
N VAL A 703 -12.79 31.31 25.01
CA VAL A 703 -12.52 30.61 23.76
C VAL A 703 -12.84 29.13 23.88
N GLY A 704 -12.64 28.56 25.07
CA GLY A 704 -12.92 27.14 25.24
C GLY A 704 -14.37 26.79 24.98
N LYS A 705 -15.29 27.54 25.59
CA LYS A 705 -16.71 27.23 25.44
C LYS A 705 -17.17 27.47 24.00
N VAL A 706 -16.72 28.57 23.39
CA VAL A 706 -17.13 28.87 22.02
C VAL A 706 -16.61 27.80 21.06
N ASP A 707 -15.35 27.40 21.22
CA ASP A 707 -14.79 26.38 20.34
C ASP A 707 -15.46 25.03 20.57
N GLN A 708 -15.82 24.73 21.83
CA GLN A 708 -16.51 23.48 22.12
C GLN A 708 -17.88 23.45 21.47
N LYS A 709 -18.61 24.56 21.52
CA LYS A 709 -19.91 24.61 20.85
C LYS A 709 -19.74 24.55 19.34
N LYS A 710 -18.67 25.15 18.82
CA LYS A 710 -18.43 25.08 17.38
C LYS A 710 -18.16 23.65 16.93
N TYR A 711 -17.38 22.90 17.71
CA TYR A 711 -16.86 21.62 17.24
C TYR A 711 -17.35 20.44 18.09
N ASN A 712 -18.57 20.52 18.64
CA ASN A 712 -19.12 19.34 19.29
C ASN A 712 -19.55 18.29 18.27
N TRP A 713 -19.89 18.73 17.06
CA TRP A 713 -20.04 17.85 15.91
C TRP A 713 -19.14 18.38 14.80
N LEU A 714 -18.24 17.54 14.32
CA LEU A 714 -17.26 17.99 13.35
C LEU A 714 -17.91 18.25 12.00
N GLU A 715 -17.58 19.40 11.40
CA GLU A 715 -18.10 19.81 10.10
C GLU A 715 -16.94 20.16 9.17
N TYR A 716 -16.76 19.37 8.13
CA TYR A 716 -15.69 19.62 7.17
C TYR A 716 -15.97 18.86 5.90
N TYR A 717 -15.39 19.35 4.80
CA TYR A 717 -15.37 18.62 3.54
C TYR A 717 -13.92 18.51 3.10
N LYS A 718 -13.56 17.35 2.57
CA LYS A 718 -12.18 17.02 2.27
C LYS A 718 -12.09 16.43 0.88
N VAL A 719 -11.11 16.88 0.10
CA VAL A 719 -10.88 16.38 -1.24
C VAL A 719 -9.39 16.06 -1.39
N LYS A 720 -9.09 14.87 -1.88
CA LYS A 720 -7.72 14.45 -2.14
C LYS A 720 -7.61 13.94 -3.57
N PHE A 721 -6.52 14.30 -4.25
CA PHE A 721 -6.27 13.85 -5.61
C PHE A 721 -4.81 13.43 -5.70
N LYS A 722 -4.57 12.26 -6.26
CA LYS A 722 -3.23 11.71 -6.39
C LYS A 722 -3.05 11.11 -7.78
N ALA A 723 -1.90 11.37 -8.38
CA ALA A 723 -1.55 10.82 -9.68
C ALA A 723 -0.13 10.28 -9.62
N ASP A 724 0.07 9.09 -10.19
CA ASP A 724 1.36 8.41 -10.16
C ASP A 724 1.56 7.74 -11.52
N TRP A 725 2.41 8.34 -12.35
CA TRP A 725 2.61 7.88 -13.72
C TRP A 725 4.02 7.29 -13.81
N TYR A 726 4.12 6.06 -14.28
CA TYR A 726 5.40 5.41 -14.47
C TYR A 726 5.72 5.33 -15.95
N THR A 727 7.01 5.40 -16.28
CA THR A 727 7.42 5.29 -17.66
C THR A 727 8.84 4.71 -17.70
N LYS A 728 9.20 4.15 -18.84
CA LYS A 728 10.56 3.70 -19.10
C LYS A 728 11.26 4.71 -20.00
N ILE A 729 12.51 5.01 -19.68
CA ILE A 729 13.21 6.08 -20.39
C ILE A 729 14.24 5.53 -21.37
N TYR A 730 15.26 4.85 -20.85
CA TYR A 730 16.35 4.36 -21.71
C TYR A 730 17.06 3.23 -20.97
N GLY A 731 16.94 2.02 -21.50
CA GLY A 731 17.62 0.88 -20.93
C GLY A 731 16.77 0.13 -19.93
N LYS A 732 17.19 0.14 -18.67
CA LYS A 732 16.43 -0.47 -17.58
C LYS A 732 15.95 0.58 -16.58
N LEU A 733 16.24 1.84 -16.85
CA LEU A 733 15.82 2.95 -15.99
C LEU A 733 14.32 3.11 -16.05
N VAL A 734 13.72 3.52 -14.93
CA VAL A 734 12.30 3.83 -14.88
C VAL A 734 12.11 5.17 -14.18
N LEU A 735 11.25 6.01 -14.74
CA LEU A 735 10.94 7.31 -14.17
C LEU A 735 9.53 7.29 -13.61
N ARG A 736 9.40 7.78 -12.37
CA ARG A 736 8.12 7.84 -11.68
C ARG A 736 7.79 9.30 -11.38
N THR A 737 6.59 9.72 -11.78
CA THR A 737 6.10 11.06 -11.53
C THR A 737 4.91 10.99 -10.59
N LEU A 738 4.89 11.84 -9.58
CA LEU A 738 3.85 11.84 -8.55
C LEU A 738 3.34 13.26 -8.37
N THR A 739 2.03 13.39 -8.20
CA THR A 739 1.42 14.71 -8.04
C THR A 739 0.19 14.59 -7.17
N GLU A 740 0.18 15.29 -6.03
CA GLU A 740 -0.98 15.28 -5.15
C GLU A 740 -1.46 16.68 -4.83
N PHE A 741 -2.78 16.82 -4.77
CA PHE A 741 -3.47 17.98 -4.26
C PHE A 741 -4.38 17.54 -3.11
N GLY A 742 -4.55 18.43 -2.13
CA GLY A 742 -5.43 18.13 -1.03
C GLY A 742 -6.00 19.37 -0.38
N PHE A 743 -7.32 19.38 -0.16
CA PHE A 743 -8.01 20.52 0.41
C PHE A 743 -8.98 20.07 1.49
N LEU A 744 -9.15 20.92 2.50
CA LEU A 744 -10.13 20.72 3.56
C LEU A 744 -10.77 22.05 3.91
N GLY A 745 -12.08 22.03 4.15
CA GLY A 745 -12.80 23.25 4.42
C GLY A 745 -14.03 23.00 5.26
N ALA A 746 -14.77 24.08 5.49
CA ALA A 746 -16.01 24.03 6.26
C ALA A 746 -17.14 24.63 5.45
N TYR A 747 -18.36 24.16 5.71
CA TYR A 747 -19.50 24.62 4.94
C TYR A 747 -19.85 26.06 5.26
N ASP A 748 -19.84 26.42 6.55
CA ASP A 748 -20.12 27.77 7.00
C ASP A 748 -18.82 28.39 7.50
N GLN A 749 -18.40 29.48 6.86
CA GLN A 749 -17.10 30.06 7.19
C GLN A 749 -17.07 30.63 8.61
N SER A 750 -18.22 30.88 9.22
CA SER A 750 -18.25 31.28 10.62
C SER A 750 -17.95 30.12 11.55
N ARG A 751 -18.29 28.89 11.12
CA ARG A 751 -18.00 27.72 11.93
C ARG A 751 -16.50 27.48 12.04
N GLY A 752 -15.77 27.73 10.98
CA GLY A 752 -14.33 27.58 10.97
C GLY A 752 -13.89 26.20 10.52
N VAL A 753 -12.65 26.15 10.02
CA VAL A 753 -12.03 24.89 9.62
C VAL A 753 -11.74 24.06 10.87
N VAL A 754 -12.10 22.78 10.83
CA VAL A 754 -11.93 21.94 12.02
C VAL A 754 -10.45 21.74 12.29
N PRO A 755 -10.02 21.71 13.56
CA PRO A 755 -8.62 21.42 13.86
C PRO A 755 -8.20 20.00 13.52
N PHE A 756 -9.13 19.07 13.34
CA PHE A 756 -8.81 17.69 13.03
C PHE A 756 -8.74 17.48 11.52
N GLU A 757 -8.29 16.28 11.15
CA GLU A 757 -8.21 15.84 9.76
C GLU A 757 -7.37 16.79 8.90
N ARG A 758 -6.31 17.32 9.48
CA ARG A 758 -5.47 18.30 8.82
C ARG A 758 -4.22 17.64 8.25
N PHE A 759 -3.62 18.33 7.27
CA PHE A 759 -2.50 17.82 6.51
C PHE A 759 -1.18 18.28 7.12
N TYR A 760 -0.32 17.33 7.44
CA TYR A 760 0.99 17.61 8.01
C TYR A 760 2.06 17.19 7.00
N LEU A 761 2.99 18.09 6.71
CA LEU A 761 3.86 17.96 5.54
C LEU A 761 5.32 17.95 5.97
N GLY A 762 6.10 17.07 5.36
CA GLY A 762 7.54 17.07 5.55
C GLY A 762 8.08 15.88 6.32
N GLY A 763 9.17 15.31 5.83
CA GLY A 763 9.89 14.29 6.57
C GLY A 763 9.80 12.91 5.93
N ASP A 764 9.96 11.90 6.80
CA ASP A 764 10.02 10.52 6.33
C ASP A 764 8.70 10.06 5.73
N GLY A 765 7.59 10.67 6.15
CA GLY A 765 6.29 10.26 5.66
C GLY A 765 5.76 9.05 6.40
N MET A 766 4.46 9.05 6.70
CA MET A 766 3.85 7.96 7.44
C MET A 766 2.39 7.86 7.03
N ALA A 767 1.89 6.63 6.95
CA ALA A 767 0.52 6.40 6.52
C ALA A 767 -0.45 6.84 7.62
N ASN A 768 -1.73 6.56 7.40
CA ASN A 768 -2.76 6.95 8.35
C ASN A 768 -2.85 5.99 9.53
N TYR A 769 -1.71 5.70 10.17
CA TYR A 769 -1.74 4.85 11.35
C TYR A 769 -2.52 5.50 12.48
N SER A 770 -2.32 6.80 12.69
CA SER A 770 -3.14 7.54 13.62
C SER A 770 -4.54 7.73 13.03
N MET A 771 -5.55 7.56 13.87
CA MET A 771 -6.93 7.55 13.38
C MET A 771 -7.61 8.90 13.56
N ASP A 772 -6.85 9.96 13.76
CA ASP A 772 -7.41 11.31 13.89
C ASP A 772 -7.51 12.05 12.57
N GLY A 773 -7.18 11.39 11.45
CA GLY A 773 -7.23 12.01 10.14
C GLY A 773 -5.96 12.72 9.73
N ARG A 774 -4.97 12.80 10.61
CA ARG A 774 -3.69 13.39 10.24
C ARG A 774 -3.01 12.57 9.14
N GLU A 775 -2.53 13.25 8.11
CA GLU A 775 -1.81 12.60 7.02
C GLU A 775 -0.42 13.20 6.90
N THR A 776 0.59 12.39 7.18
CA THR A 776 1.97 12.83 7.08
C THR A 776 2.45 12.63 5.65
N ILE A 777 2.77 13.71 4.97
CA ILE A 777 3.16 13.70 3.56
C ILE A 777 4.68 13.67 3.48
N GLN A 778 5.20 12.78 2.64
CA GLN A 778 6.63 12.52 2.59
C GLN A 778 7.32 13.56 1.73
N LEU A 779 8.30 14.26 2.31
CA LEU A 779 9.15 15.19 1.58
C LEU A 779 10.56 14.99 2.13
N ARG A 780 11.31 14.09 1.50
CA ARG A 780 12.63 13.75 1.98
C ARG A 780 13.56 14.95 1.89
N GLY A 781 14.54 14.98 2.79
CA GLY A 781 15.50 16.06 2.88
C GLY A 781 15.25 17.02 4.02
N TYR A 782 14.11 16.90 4.70
CA TYR A 782 13.69 17.81 5.75
C TYR A 782 13.28 17.01 6.98
N PRO A 783 13.30 17.63 8.17
CA PRO A 783 12.92 16.92 9.39
C PRO A 783 11.48 16.45 9.33
N ASN A 784 11.15 15.55 10.25
CA ASN A 784 9.80 15.02 10.31
C ASN A 784 8.85 16.08 10.82
N ASN A 785 7.83 16.40 10.01
CA ASN A 785 6.85 17.43 10.35
C ASN A 785 7.52 18.76 10.64
N SER A 786 8.32 19.24 9.69
CA SER A 786 8.98 20.53 9.87
C SER A 786 8.28 21.65 9.12
N LEU A 787 7.65 21.34 7.98
CA LEU A 787 7.08 22.38 7.13
C LEU A 787 5.61 22.67 7.42
N THR A 788 5.00 21.97 8.36
CA THR A 788 3.62 22.26 8.72
C THR A 788 3.54 23.64 9.39
N PRO A 789 2.51 24.41 9.10
CA PRO A 789 2.47 25.80 9.57
C PRO A 789 2.39 25.90 11.08
N ILE A 790 2.91 27.01 11.60
CA ILE A 790 3.02 27.24 13.03
C ILE A 790 2.37 28.57 13.38
N ILE A 791 2.07 28.74 14.67
CA ILE A 791 1.42 29.95 15.14
C ILE A 791 2.40 31.11 15.00
N GLU A 792 1.98 32.15 14.29
CA GLU A 792 2.84 33.29 14.00
C GLU A 792 2.40 34.56 14.73
N ASP A 793 1.59 34.42 15.78
CA ASP A 793 1.07 35.59 16.47
C ASP A 793 2.05 36.19 17.47
N ARG A 794 3.17 35.52 17.73
CA ARG A 794 4.23 36.00 18.62
C ARG A 794 3.77 36.07 20.08
N ASN A 795 2.95 37.07 20.40
CA ASN A 795 2.48 37.30 21.76
C ASN A 795 1.37 36.32 22.17
N SER A 796 1.01 35.38 21.31
CA SER A 796 -0.08 34.45 21.61
C SER A 796 0.28 33.44 22.69
N SER A 797 1.55 33.37 23.11
CA SER A 797 2.07 32.39 24.04
C SER A 797 2.00 30.98 23.50
N ARG A 798 1.70 30.82 22.21
CA ARG A 798 1.70 29.52 21.55
C ARG A 798 2.59 29.53 20.32
N TYR A 799 3.61 30.37 20.33
CA TYR A 799 4.54 30.46 19.20
C TYR A 799 5.38 29.19 19.13
N GLY A 800 5.47 28.61 17.94
CA GLY A 800 6.28 27.44 17.70
C GLY A 800 5.51 26.13 17.63
N GLN A 801 4.27 26.09 18.10
CA GLN A 801 3.48 24.87 18.03
C GLN A 801 2.75 24.77 16.71
N GLN A 802 2.61 23.54 16.22
CA GLN A 802 2.09 23.30 14.88
C GLN A 802 0.57 23.18 14.91
N ILE A 803 -0.08 23.80 13.93
CA ILE A 803 -1.53 23.90 13.92
C ILE A 803 -2.12 23.11 12.75
N GLY A 804 -1.34 22.91 11.70
CA GLY A 804 -1.81 22.12 10.58
C GLY A 804 -2.13 22.90 9.34
N ALA A 805 -1.99 22.25 8.18
CA ALA A 805 -2.27 22.85 6.88
C ALA A 805 -3.58 22.32 6.32
N THR A 806 -4.38 23.22 5.74
CA THR A 806 -5.64 22.83 5.13
C THR A 806 -5.53 22.56 3.63
N ILE A 807 -4.53 23.12 2.95
CA ILE A 807 -4.32 22.90 1.53
C ILE A 807 -2.87 22.53 1.30
N TYR A 808 -2.63 21.48 0.52
CA TYR A 808 -1.26 21.05 0.27
C TYR A 808 -1.13 20.45 -1.12
N ASN A 809 0.01 20.74 -1.76
CA ASN A 809 0.32 20.26 -3.10
C ASN A 809 1.75 19.77 -3.15
N LYS A 810 1.96 18.60 -3.76
CA LYS A 810 3.29 18.03 -3.87
C LYS A 810 3.52 17.49 -5.27
N PHE A 811 4.72 17.72 -5.80
CA PHE A 811 5.17 17.15 -7.06
C PHE A 811 6.48 16.44 -6.83
N SER A 812 6.56 15.18 -7.22
CA SER A 812 7.75 14.36 -7.02
C SER A 812 8.17 13.72 -8.32
N MET A 813 9.48 13.56 -8.52
CA MET A 813 10.03 13.00 -9.74
C MET A 813 11.22 12.14 -9.36
N GLU A 814 11.16 10.84 -9.64
CA GLU A 814 12.18 9.90 -9.22
C GLU A 814 12.67 9.09 -10.40
N LEU A 815 13.97 8.78 -10.39
CA LEU A 815 14.60 7.91 -11.37
C LEU A 815 15.15 6.70 -10.65
N ARG A 816 14.83 5.51 -11.15
CA ARG A 816 15.09 4.27 -10.43
C ARG A 816 15.76 3.25 -11.34
N TYR A 817 16.76 2.57 -10.79
CA TYR A 817 17.54 1.54 -11.48
C TYR A 817 17.58 0.29 -10.62
N PRO A 818 17.17 -0.87 -11.14
CA PRO A 818 17.16 -2.09 -10.35
C PRO A 818 18.46 -2.89 -10.43
N ILE A 819 18.75 -3.61 -9.35
CA ILE A 819 19.95 -4.44 -9.30
C ILE A 819 19.52 -5.91 -9.30
N THR A 820 18.38 -6.22 -8.70
CA THR A 820 17.88 -7.58 -8.65
C THR A 820 16.35 -7.53 -8.57
N LEU A 821 15.71 -8.40 -9.35
CA LEU A 821 14.25 -8.48 -9.36
C LEU A 821 13.78 -9.90 -9.07
N LYS A 822 14.59 -10.66 -8.33
CA LYS A 822 14.20 -12.01 -7.95
C LYS A 822 13.06 -11.97 -6.95
N SER A 823 12.38 -13.11 -6.82
CA SER A 823 11.28 -13.20 -5.86
C SER A 823 11.77 -12.96 -4.43
N SER A 824 12.97 -13.46 -4.11
CA SER A 824 13.49 -13.30 -2.76
C SER A 824 13.89 -11.85 -2.48
N ALA A 825 14.62 -11.22 -3.38
CA ALA A 825 15.15 -9.90 -3.15
C ALA A 825 14.85 -8.97 -4.31
N SER A 826 14.48 -7.73 -3.99
CA SER A 826 14.20 -6.70 -4.98
C SER A 826 14.89 -5.41 -4.53
N ILE A 827 16.00 -5.07 -5.18
CA ILE A 827 16.87 -4.00 -4.75
C ILE A 827 16.94 -2.96 -5.87
N TYR A 828 16.87 -1.68 -5.50
CA TYR A 828 17.00 -0.65 -6.51
C TYR A 828 17.47 0.65 -5.91
N ALA A 829 18.19 1.43 -6.71
CA ALA A 829 18.66 2.75 -6.34
C ALA A 829 17.81 3.82 -7.01
N LEU A 830 17.72 4.98 -6.37
CA LEU A 830 16.81 6.01 -6.82
C LEU A 830 17.38 7.39 -6.56
N THR A 831 17.00 8.34 -7.42
CA THR A 831 17.32 9.75 -7.26
C THR A 831 16.02 10.54 -7.35
N PHE A 832 15.79 11.43 -6.39
CA PHE A 832 14.49 12.09 -6.26
C PHE A 832 14.62 13.61 -6.23
N LEU A 833 13.66 14.26 -6.90
CA LEU A 833 13.47 15.70 -6.87
C LEU A 833 12.04 15.95 -6.42
N GLU A 834 11.86 16.72 -5.35
CA GLU A 834 10.54 16.96 -4.80
C GLU A 834 10.31 18.44 -4.59
N ALA A 835 9.06 18.86 -4.77
CA ALA A 835 8.63 20.22 -4.47
C ALA A 835 7.30 20.14 -3.75
N GLY A 836 7.25 20.66 -2.53
CA GLY A 836 6.08 20.51 -1.70
C GLY A 836 5.67 21.83 -1.05
N SER A 837 4.36 21.97 -0.88
CA SER A 837 3.80 23.14 -0.22
C SER A 837 2.61 22.74 0.64
N ASP A 849 4.92 28.27 -5.89
CA ASP A 849 5.77 28.54 -4.72
C ASP A 849 5.79 27.34 -3.80
N LEU A 850 6.95 26.68 -3.69
CA LEU A 850 7.10 25.46 -2.92
C LEU A 850 8.48 25.42 -2.29
N ASN A 851 8.69 24.41 -1.44
CA ASN A 851 10.00 24.08 -0.90
C ASN A 851 10.53 22.86 -1.64
N ARG A 852 11.79 22.93 -2.06
CA ARG A 852 12.38 21.95 -2.95
C ARG A 852 13.41 21.09 -2.24
N SER A 853 13.55 19.86 -2.68
CA SER A 853 14.50 18.94 -2.09
C SER A 853 15.04 18.00 -3.17
N ALA A 854 16.30 17.59 -2.99
CA ALA A 854 16.95 16.71 -3.94
C ALA A 854 17.76 15.68 -3.18
N GLY A 855 17.72 14.43 -3.62
CA GLY A 855 18.49 13.44 -2.89
C GLY A 855 18.58 12.11 -3.61
N ALA A 856 19.23 11.17 -2.93
CA ALA A 856 19.46 9.84 -3.47
C ALA A 856 19.24 8.80 -2.39
N GLY A 857 18.88 7.60 -2.80
CA GLY A 857 18.56 6.57 -1.83
C GLY A 857 18.59 5.18 -2.44
N LEU A 858 18.45 4.19 -1.55
CA LEU A 858 18.54 2.79 -1.92
C LEU A 858 17.47 2.03 -1.15
N ARG A 859 16.76 1.14 -1.86
CA ARG A 859 15.68 0.37 -1.27
C ARG A 859 15.91 -1.11 -1.52
N VAL A 860 15.67 -1.92 -0.50
CA VAL A 860 15.81 -3.37 -0.55
C VAL A 860 14.53 -4.00 -0.01
N PHE A 861 13.91 -4.86 -0.80
CA PHE A 861 12.68 -5.53 -0.40
C PHE A 861 12.90 -7.02 -0.34
N MET A 862 12.53 -7.63 0.78
CA MET A 862 12.48 -9.06 0.97
C MET A 862 11.17 -9.41 1.66
N PRO A 863 10.59 -10.57 1.36
CA PRO A 863 9.34 -10.94 2.03
C PRO A 863 9.46 -11.03 3.54
N ALA A 864 10.62 -11.41 4.06
CA ALA A 864 10.79 -11.57 5.50
C ALA A 864 11.05 -10.22 6.18
N PHE A 865 12.14 -9.56 5.82
CA PHE A 865 12.55 -8.35 6.52
C PHE A 865 11.86 -7.10 6.00
N GLY A 866 11.04 -7.19 4.96
CA GLY A 866 10.23 -6.07 4.54
C GLY A 866 10.90 -5.17 3.51
N LEU A 867 10.51 -3.91 3.49
CA LEU A 867 11.00 -2.92 2.53
C LEU A 867 11.83 -1.89 3.29
N LEU A 868 13.14 -2.07 3.28
CA LEU A 868 14.07 -1.20 4.00
C LEU A 868 14.62 -0.16 3.02
N GLY A 869 14.41 1.11 3.32
CA GLY A 869 14.89 2.17 2.47
C GLY A 869 15.72 3.21 3.19
N ILE A 870 16.87 3.56 2.63
CA ILE A 870 17.76 4.57 3.18
C ILE A 870 17.83 5.73 2.19
N ASP A 871 17.51 6.94 2.64
CA ASP A 871 17.49 8.11 1.79
C ASP A 871 18.34 9.22 2.40
N PHE A 872 19.12 9.88 1.57
CA PHE A 872 19.87 11.07 1.94
C PHE A 872 19.35 12.22 1.09
N GLY A 873 18.87 13.27 1.76
CA GLY A 873 18.25 14.37 1.05
C GLY A 873 18.74 15.74 1.49
N TYR A 874 19.11 16.56 0.51
CA TYR A 874 19.55 17.92 0.74
C TYR A 874 18.40 18.84 0.34
N GLY A 875 17.98 19.69 1.27
CA GLY A 875 16.97 20.68 1.01
C GLY A 875 17.61 22.05 0.82
N PHE A 876 17.24 22.69 -0.29
CA PHE A 876 17.76 23.98 -0.68
C PHE A 876 17.04 25.13 0.01
N ASP A 877 15.98 24.86 0.76
CA ASP A 877 15.17 25.89 1.40
C ASP A 877 15.20 25.74 2.91
N ALA A 878 14.92 26.85 3.58
CA ALA A 878 14.93 26.90 5.04
C ALA A 878 13.61 26.37 5.59
N LEU A 879 13.68 25.88 6.83
CA LEU A 879 12.51 25.34 7.49
C LEU A 879 11.49 26.43 7.80
N THR A 883 15.32 32.82 10.79
CA THR A 883 15.47 34.23 10.40
C THR A 883 16.40 34.37 9.20
N THR A 884 17.50 33.62 9.22
CA THR A 884 18.45 33.63 8.12
C THR A 884 17.93 32.76 6.98
N ASN A 885 17.96 33.30 5.76
CA ASN A 885 17.48 32.58 4.58
C ASN A 885 18.55 31.62 4.07
N LYS A 886 18.93 30.68 4.94
CA LYS A 886 19.95 29.69 4.64
C LYS A 886 19.28 28.33 4.52
N ALA A 887 19.76 27.53 3.57
CA ALA A 887 19.14 26.25 3.27
C ALA A 887 19.23 25.31 4.47
N ASN A 888 18.24 24.42 4.58
CA ASN A 888 18.29 23.40 5.62
C ASN A 888 19.49 22.48 5.46
N GLY A 889 19.85 22.17 4.21
CA GLY A 889 21.01 21.33 4.00
C GLY A 889 20.69 19.85 4.05
N TRP A 890 21.62 19.08 4.60
CA TRP A 890 21.51 17.64 4.55
C TRP A 890 20.54 17.11 5.61
N GLU A 891 19.98 15.94 5.34
CA GLU A 891 19.22 15.17 6.31
C GLU A 891 19.15 13.74 5.81
N THR A 892 18.88 12.81 6.74
CA THR A 892 18.85 11.39 6.42
C THR A 892 17.60 10.74 6.98
N HIS A 893 17.09 9.74 6.26
CA HIS A 893 15.93 8.97 6.69
C HIS A 893 16.18 7.50 6.46
N PHE A 894 15.66 6.67 7.36
CA PHE A 894 15.69 5.22 7.23
C PHE A 894 14.30 4.73 7.57
N ILE A 895 13.63 4.11 6.60
CA ILE A 895 12.24 3.71 6.75
C ILE A 895 12.11 2.21 6.48
N ILE A 896 11.10 1.61 7.10
CA ILE A 896 10.76 0.20 6.90
C ILE A 896 9.26 0.13 6.65
N GLY A 897 8.88 -0.54 5.57
CA GLY A 897 7.49 -0.58 5.15
C GLY A 897 7.17 0.52 4.15
N GLN A 898 6.03 0.35 3.48
CA GLN A 898 5.57 1.31 2.48
C GLN A 898 4.96 2.50 3.21
N GLN A 899 5.80 3.52 3.44
CA GLN A 899 5.38 4.71 4.18
C GLN A 899 4.89 5.79 3.20
N PHE A 900 3.75 5.50 2.59
CA PHE A 900 3.11 6.46 1.70
C PHE A 900 1.80 6.96 2.31
N VAL B 116 6.05 -34.05 -19.80
CA VAL B 116 5.72 -32.63 -19.68
C VAL B 116 6.58 -31.97 -18.62
N LYS B 117 7.12 -30.79 -18.95
CA LYS B 117 7.91 -30.04 -17.98
C LYS B 117 6.98 -29.43 -16.94
N SER B 118 7.06 -29.94 -15.72
CA SER B 118 6.16 -29.54 -14.64
C SER B 118 6.83 -28.51 -13.76
N LEU B 119 6.04 -27.90 -12.88
CA LEU B 119 6.56 -26.89 -11.98
C LEU B 119 7.49 -27.53 -10.93
N ASP B 120 8.25 -26.68 -10.27
CA ASP B 120 9.23 -27.14 -9.28
C ASP B 120 8.52 -27.79 -8.09
N SER B 121 9.25 -28.66 -7.41
CA SER B 121 8.70 -29.37 -6.26
C SER B 121 8.32 -28.39 -5.16
N ASN B 122 9.16 -27.39 -4.91
CA ASN B 122 8.88 -26.37 -3.90
C ASN B 122 8.23 -25.17 -4.55
N THR B 123 7.14 -24.69 -3.96
CA THR B 123 6.38 -23.57 -4.50
C THR B 123 6.38 -22.36 -3.58
N GLN B 124 7.35 -22.26 -2.67
CA GLN B 124 7.45 -21.07 -1.82
C GLN B 124 7.85 -19.85 -2.64
N LYS B 125 8.76 -20.02 -3.60
CA LYS B 125 9.19 -18.91 -4.44
C LYS B 125 8.01 -18.31 -5.20
N TYR B 126 7.12 -19.18 -5.72
CA TYR B 126 5.98 -18.71 -6.47
C TYR B 126 5.04 -17.87 -5.61
N VAL B 127 4.87 -18.27 -4.35
CA VAL B 127 4.05 -17.49 -3.43
C VAL B 127 4.74 -16.17 -3.10
N ASP B 128 6.07 -16.19 -3.00
CA ASP B 128 6.81 -15.00 -2.57
C ASP B 128 6.70 -13.86 -3.59
N MET B 129 6.72 -14.17 -4.88
CA MET B 129 6.73 -13.12 -5.89
C MET B 129 5.40 -12.36 -5.90
N GLN B 130 5.50 -11.06 -6.14
CA GLN B 130 4.38 -10.14 -5.96
C GLN B 130 3.73 -9.81 -7.31
N PHE B 131 2.42 -9.61 -7.28
CA PHE B 131 1.68 -9.18 -8.46
C PHE B 131 0.66 -8.13 -8.06
N GLU B 132 0.19 -7.37 -9.05
CA GLU B 132 -0.92 -6.45 -8.85
C GLU B 132 -2.24 -7.21 -8.86
N ASP B 133 -3.33 -6.46 -8.68
CA ASP B 133 -4.65 -7.07 -8.62
C ASP B 133 -5.20 -7.34 -10.02
N ASP B 134 -6.02 -8.38 -10.13
CA ASP B 134 -6.65 -8.75 -11.39
C ASP B 134 -8.17 -8.69 -11.24
N ARG B 135 -8.87 -9.03 -12.32
CA ARG B 135 -10.28 -8.68 -12.46
C ARG B 135 -11.20 -9.44 -11.50
N GLN B 136 -10.71 -10.46 -10.80
CA GLN B 136 -11.54 -11.09 -9.79
C GLN B 136 -10.79 -11.39 -8.48
N SER B 137 -9.91 -10.51 -8.04
CA SER B 137 -9.44 -10.51 -6.66
C SER B 137 -10.17 -9.43 -5.88
N THR B 138 -10.10 -9.55 -4.55
CA THR B 138 -10.84 -8.64 -3.68
C THR B 138 -10.40 -7.19 -3.90
N ALA B 139 -11.38 -6.29 -3.92
CA ALA B 139 -11.10 -4.88 -4.11
C ALA B 139 -10.70 -4.23 -2.81
N LYS B 140 -9.54 -3.58 -2.80
CA LYS B 140 -9.02 -2.94 -1.60
C LYS B 140 -9.72 -1.61 -1.38
N ASN B 141 -10.06 -1.32 -0.13
CA ASN B 141 -10.77 -0.10 0.24
C ASN B 141 -9.76 0.97 0.64
N THR B 142 -9.74 2.07 -0.10
CA THR B 142 -8.79 3.15 0.13
C THR B 142 -9.40 4.38 0.78
N VAL B 143 -10.66 4.32 1.19
CA VAL B 143 -11.29 5.44 1.88
C VAL B 143 -11.61 5.07 3.33
N MET B 144 -11.13 3.92 3.79
CA MET B 144 -11.22 3.54 5.20
C MET B 144 -10.02 4.06 5.97
N TYR B 145 -10.10 3.90 7.29
CA TYR B 145 -9.00 4.21 8.17
C TYR B 145 -8.01 3.05 8.17
N SER B 146 -7.09 3.05 9.12
CA SER B 146 -6.05 2.02 9.15
C SER B 146 -6.62 0.68 9.59
N ASP B 147 -6.02 -0.39 9.07
CA ASP B 147 -6.32 -1.75 9.48
C ASP B 147 -5.32 -2.28 10.49
N GLN B 148 -4.47 -1.39 11.03
CA GLN B 148 -3.48 -1.74 12.05
C GLN B 148 -2.44 -2.72 11.51
N THR B 149 -2.11 -2.59 10.23
CA THR B 149 -1.07 -3.40 9.60
C THR B 149 -0.06 -2.49 8.92
N ILE B 150 1.22 -2.83 9.05
CA ILE B 150 2.29 -2.18 8.30
C ILE B 150 2.48 -3.00 7.03
N LYS B 151 1.91 -2.51 5.93
CA LYS B 151 2.04 -3.19 4.65
C LYS B 151 3.50 -3.20 4.22
N TYR B 152 3.95 -4.34 3.69
CA TYR B 152 5.35 -4.54 3.32
C TYR B 152 6.28 -4.27 4.50
N GLY B 153 5.87 -4.71 5.69
CA GLY B 153 6.67 -4.55 6.88
C GLY B 153 7.43 -5.82 7.23
N THR B 154 8.23 -5.72 8.28
CA THR B 154 8.98 -6.88 8.76
C THR B 154 8.03 -7.90 9.35
N ASP B 155 8.16 -9.15 8.90
CA ASP B 155 7.29 -10.24 9.32
C ASP B 155 8.07 -11.13 10.29
N PHE B 156 7.76 -11.02 11.58
CA PHE B 156 8.47 -11.80 12.58
C PHE B 156 8.04 -13.27 12.56
N VAL B 157 6.77 -13.54 12.24
CA VAL B 157 6.32 -14.93 12.14
C VAL B 157 7.03 -15.65 11.01
N ARG B 158 7.19 -14.98 9.86
CA ARG B 158 7.95 -15.57 8.77
C ARG B 158 9.40 -15.79 9.18
N ILE B 159 9.97 -14.86 9.96
CA ILE B 159 11.33 -15.04 10.44
C ILE B 159 11.43 -16.26 11.33
N PHE B 160 10.46 -16.45 12.22
CA PHE B 160 10.46 -17.63 13.09
C PHE B 160 10.34 -18.92 12.29
N LYS B 161 9.46 -18.93 11.29
CA LYS B 161 9.31 -20.12 10.46
C LYS B 161 10.58 -20.42 9.67
N ASP B 162 11.23 -19.38 9.16
CA ASP B 162 12.48 -19.58 8.43
C ASP B 162 13.58 -20.11 9.35
N VAL B 163 13.67 -19.58 10.57
CA VAL B 163 14.66 -20.06 11.53
C VAL B 163 14.38 -21.52 11.87
N LYS B 164 13.10 -21.87 12.04
CA LYS B 164 12.75 -23.27 12.27
C LYS B 164 13.14 -24.15 11.09
N LYS B 165 12.96 -23.64 9.87
CA LYS B 165 13.33 -24.41 8.68
C LYS B 165 14.83 -24.61 8.57
N LEU B 166 15.64 -23.72 9.14
CA LEU B 166 17.09 -23.82 9.09
C LEU B 166 17.67 -24.55 10.29
N LEU B 167 16.91 -25.44 10.92
CA LEU B 167 17.39 -26.19 12.07
C LEU B 167 16.87 -27.62 12.03
#